data_5YDA
#
_entry.id   5YDA
#
_cell.length_a   109.780
_cell.length_b   109.780
_cell.length_c   142.573
_cell.angle_alpha   90.00
_cell.angle_beta   90.00
_cell.angle_gamma   90.00
#
_symmetry.space_group_name_H-M   'P 43 2 2'
#
loop_
_entity.id
_entity.type
_entity.pdbx_description
1 polymer PKS
2 water water
#
_entity_poly.entity_id   1
_entity_poly.type   'polypeptide(L)'
_entity_poly.pdbx_seq_one_letter_code
;MGSHHHHHHHHGSDYDIPTTENLYFQGSGRRLVLPVSARTSGALRGQAHALARRLEERPGLRLDDVAGALRADRPALRHR
LTVSASSVPEAVEALRAAVPAVPPVPDEPPKVAFLLPGGGTQYVGMGSGLYRENDVYRDTVDRCAAVLRPALGSDLRTAL
FEEVEPGSTAAFMALFVTEYALARTLMEEGVRPDALIGHSLGEYTAACLAGVMEIDEALPVVAERIRLIASSGGATVGVA
ACADTVLPLLGEGLSLAAVNSPVACTVAGDTDAVDRLEAELTRRGVPFRRLRMPAAAHSHVLDPILESFAGHLRTLTLRP
PRIPYVTNVTGDWATDAQATDVGHWVDHTRRTVRFADGIAALWERERPVLVEIGPGDSLTKLARARLDGEGPVTVTTMRH
AKAQAADGFVLAEALGRLWSAGVDAALPHVPRP
;
_entity_poly.pdbx_strand_id   A
#
# COMPACT_ATOMS: atom_id res chain seq x y z
N GLU A 21 -23.92 6.90 -11.57
CA GLU A 21 -22.49 6.66 -11.38
C GLU A 21 -21.74 7.97 -11.19
N ASN A 22 -22.20 8.79 -10.27
CA ASN A 22 -21.68 10.16 -10.17
C ASN A 22 -20.53 10.19 -9.18
N LEU A 23 -19.52 11.01 -9.50
CA LEU A 23 -18.38 11.21 -8.64
C LEU A 23 -18.41 12.59 -7.99
N TYR A 24 -19.58 13.22 -7.94
CA TYR A 24 -19.72 14.50 -7.25
C TYR A 24 -19.43 14.31 -5.76
N PHE A 25 -18.84 15.32 -5.16
CA PHE A 25 -18.47 15.24 -3.77
C PHE A 25 -19.71 15.14 -2.87
N GLN A 26 -19.70 14.17 -1.95
CA GLN A 26 -20.76 14.01 -0.99
C GLN A 26 -20.39 14.41 0.42
N GLY A 27 -19.11 14.61 0.71
CA GLY A 27 -18.67 14.85 2.06
C GLY A 27 -18.67 13.57 2.88
N SER A 28 -18.17 13.66 4.10
CA SER A 28 -18.25 12.51 4.99
C SER A 28 -19.70 12.17 5.26
N GLY A 29 -19.98 10.89 5.43
CA GLY A 29 -21.33 10.47 5.70
C GLY A 29 -21.52 10.19 7.18
N ARG A 30 -22.34 9.19 7.48
CA ARG A 30 -22.66 8.92 8.87
C ARG A 30 -21.70 7.95 9.54
N ARG A 31 -20.81 7.30 8.79
CA ARG A 31 -19.99 6.23 9.36
C ARG A 31 -19.05 6.75 10.44
N LEU A 32 -19.04 6.06 11.58
CA LEU A 32 -18.22 6.44 12.71
C LEU A 32 -17.53 5.21 13.27
N VAL A 33 -16.41 5.46 13.97
CA VAL A 33 -15.64 4.42 14.64
C VAL A 33 -15.97 4.49 16.13
N LEU A 34 -16.31 3.34 16.73
CA LEU A 34 -16.57 3.25 18.16
C LEU A 34 -15.42 2.55 18.85
N PRO A 35 -14.66 3.21 19.73
CA PRO A 35 -13.56 2.54 20.45
C PRO A 35 -14.03 1.87 21.72
N VAL A 36 -13.41 0.72 22.02
CA VAL A 36 -13.66 -0.05 23.23
C VAL A 36 -12.31 -0.49 23.78
N SER A 37 -12.08 -0.25 25.07
CA SER A 37 -10.83 -0.68 25.69
C SER A 37 -11.11 -1.21 27.09
N ALA A 38 -10.44 -2.33 27.41
CA ALA A 38 -10.56 -2.95 28.73
C ALA A 38 -9.16 -3.23 29.27
N ARG A 39 -9.07 -3.94 30.39
CA ARG A 39 -7.77 -4.26 30.97
C ARG A 39 -7.35 -5.70 30.70
N THR A 40 -8.25 -6.53 30.17
CA THR A 40 -8.07 -7.97 30.16
C THR A 40 -8.32 -8.54 28.77
N SER A 41 -7.70 -9.70 28.53
CA SER A 41 -7.77 -10.47 27.29
C SER A 41 -9.01 -10.30 26.41
N GLY A 42 -10.25 -10.40 26.92
CA GLY A 42 -10.60 -10.77 28.29
C GLY A 42 -11.95 -10.18 28.70
N ALA A 43 -11.89 -9.07 29.45
CA ALA A 43 -13.08 -8.27 29.68
C ALA A 43 -13.50 -7.49 28.45
N LEU A 44 -12.57 -7.30 27.50
CA LEU A 44 -12.88 -6.60 26.25
C LEU A 44 -14.14 -7.14 25.60
N ARG A 45 -14.18 -8.46 25.37
CA ARG A 45 -15.38 -9.06 24.77
C ARG A 45 -16.61 -8.78 25.62
N GLY A 46 -16.48 -8.93 26.93
CA GLY A 46 -17.61 -8.64 27.80
C GLY A 46 -18.06 -7.20 27.70
N GLN A 47 -17.09 -6.28 27.78
CA GLN A 47 -17.42 -4.86 27.71
C GLN A 47 -18.06 -4.49 26.37
N ALA A 48 -17.75 -5.22 25.30
CA ALA A 48 -18.32 -4.91 24.00
C ALA A 48 -19.76 -5.39 23.90
N HIS A 49 -20.07 -6.55 24.49
CA HIS A 49 -21.46 -6.99 24.54
C HIS A 49 -22.29 -6.14 25.49
N ALA A 50 -21.67 -5.67 26.58
CA ALA A 50 -22.36 -4.72 27.47
C ALA A 50 -22.85 -3.51 26.70
N LEU A 51 -21.93 -2.83 25.98
CA LEU A 51 -22.31 -1.66 25.20
C LEU A 51 -23.36 -2.00 24.16
N ALA A 52 -23.27 -3.19 23.57
CA ALA A 52 -24.31 -3.62 22.63
C ALA A 52 -25.66 -3.70 23.32
N ARG A 53 -25.71 -4.34 24.50
CA ARG A 53 -26.96 -4.47 25.22
C ARG A 53 -27.46 -3.12 25.72
N ARG A 54 -26.58 -2.12 25.83
CA ARG A 54 -27.02 -0.80 26.26
C ARG A 54 -27.76 -0.03 25.15
N LEU A 55 -27.27 -0.08 23.91
CA LEU A 55 -27.92 0.67 22.84
C LEU A 55 -29.22 0.02 22.39
N GLU A 56 -29.35 -1.29 22.54
CA GLU A 56 -30.64 -1.93 22.32
C GLU A 56 -31.66 -1.42 23.33
N GLU A 57 -31.29 -1.43 24.61
CA GLU A 57 -32.17 -1.10 25.72
C GLU A 57 -32.26 0.40 25.99
N ARG A 58 -31.88 1.23 25.03
CA ARG A 58 -31.91 2.67 25.21
C ARG A 58 -32.11 3.42 23.90
N PRO A 59 -33.36 3.27 23.31
CA PRO A 59 -33.58 3.94 22.02
C PRO A 59 -33.35 5.40 21.90
N GLY A 60 -33.07 6.06 22.99
CA GLY A 60 -32.84 7.48 22.91
C GLY A 60 -31.39 7.71 22.54
N LEU A 61 -30.50 6.76 22.78
CA LEU A 61 -29.08 6.96 22.43
C LEU A 61 -28.74 7.10 20.96
N ARG A 62 -28.18 8.22 20.54
CA ARG A 62 -27.79 8.38 19.15
C ARG A 62 -26.37 7.86 18.95
N LEU A 63 -26.03 7.43 17.74
CA LEU A 63 -24.73 6.90 17.44
C LEU A 63 -23.75 8.00 17.67
N ASP A 64 -24.11 9.16 17.19
CA ASP A 64 -23.35 10.40 17.39
C ASP A 64 -22.83 10.55 18.81
N ASP A 65 -23.75 10.57 19.79
CA ASP A 65 -23.37 10.81 21.18
C ASP A 65 -22.48 9.70 21.70
N VAL A 66 -22.83 8.45 21.40
CA VAL A 66 -22.07 7.31 21.89
C VAL A 66 -20.62 7.40 21.44
N ALA A 67 -20.38 7.81 20.19
CA ALA A 67 -19.03 7.93 19.67
C ALA A 67 -18.20 8.90 20.49
N GLY A 68 -18.76 10.09 20.78
CA GLY A 68 -18.05 11.04 21.61
C GLY A 68 -17.89 10.57 23.04
N ALA A 69 -18.96 9.97 23.59
CA ALA A 69 -18.90 9.49 24.97
C ALA A 69 -17.86 8.39 25.12
N LEU A 70 -17.74 7.52 24.11
CA LEU A 70 -16.72 6.47 24.13
C LEU A 70 -15.31 7.05 24.05
N ARG A 71 -15.16 8.26 23.50
CA ARG A 71 -13.89 8.96 23.41
C ARG A 71 -13.57 9.78 24.66
N ALA A 72 -14.52 10.61 25.11
CA ALA A 72 -14.24 11.55 26.19
C ALA A 72 -14.42 10.94 27.58
N ASP A 73 -15.38 10.02 27.75
CA ASP A 73 -15.83 9.57 29.06
C ASP A 73 -15.17 8.28 29.55
N ARG A 74 -14.17 7.75 28.83
CA ARG A 74 -13.51 6.52 29.24
C ARG A 74 -12.02 6.63 28.95
N PRO A 75 -11.19 5.95 29.72
CA PRO A 75 -9.75 5.94 29.43
C PRO A 75 -9.42 4.91 28.35
N ALA A 76 -8.30 5.15 27.66
CA ALA A 76 -7.84 4.28 26.58
C ALA A 76 -6.93 3.21 27.19
N LEU A 77 -7.52 2.08 27.56
CA LEU A 77 -6.81 1.01 28.24
C LEU A 77 -6.04 0.15 27.24
N ARG A 78 -5.44 -0.95 27.74
CA ARG A 78 -4.41 -1.65 26.97
C ARG A 78 -5.02 -2.55 25.88
N HIS A 79 -6.13 -3.21 26.17
CA HIS A 79 -6.77 -4.12 25.24
C HIS A 79 -7.88 -3.38 24.51
N ARG A 80 -7.79 -3.29 23.18
CA ARG A 80 -8.66 -2.42 22.41
C ARG A 80 -9.30 -3.17 21.25
N LEU A 81 -10.53 -2.76 20.90
CA LEU A 81 -11.12 -3.08 19.61
C LEU A 81 -12.03 -1.94 19.18
N THR A 82 -12.44 -1.96 17.92
CA THR A 82 -13.35 -0.96 17.40
C THR A 82 -14.37 -1.64 16.52
N VAL A 83 -15.51 -0.96 16.34
CA VAL A 83 -16.46 -1.26 15.27
C VAL A 83 -16.65 0.01 14.46
N SER A 84 -17.07 -0.17 13.22
CA SER A 84 -17.51 0.91 12.35
C SER A 84 -18.99 0.76 12.10
N ALA A 85 -19.72 1.88 12.11
CA ALA A 85 -21.17 1.81 11.94
C ALA A 85 -21.68 3.15 11.43
N SER A 86 -22.71 3.09 10.59
CA SER A 86 -23.43 4.26 10.13
C SER A 86 -24.82 4.36 10.78
N SER A 87 -25.12 3.48 11.73
CA SER A 87 -26.42 3.42 12.40
C SER A 87 -26.30 2.53 13.63
N VAL A 88 -27.25 2.69 14.54
CA VAL A 88 -27.25 1.96 15.81
C VAL A 88 -27.43 0.46 15.60
N PRO A 89 -28.39 -0.02 14.80
CA PRO A 89 -28.46 -1.47 14.56
C PRO A 89 -27.14 -2.03 14.04
N GLU A 90 -26.48 -1.32 13.12
CA GLU A 90 -25.19 -1.78 12.62
C GLU A 90 -24.18 -1.93 13.74
N ALA A 91 -24.09 -0.92 14.61
CA ALA A 91 -23.14 -0.97 15.71
C ALA A 91 -23.44 -2.11 16.66
N VAL A 92 -24.71 -2.26 17.06
CA VAL A 92 -25.11 -3.34 17.94
C VAL A 92 -24.67 -4.68 17.38
N GLU A 93 -25.01 -4.93 16.11
CA GLU A 93 -24.63 -6.19 15.47
C GLU A 93 -23.13 -6.39 15.47
N ALA A 94 -22.37 -5.31 15.21
CA ALA A 94 -20.92 -5.47 15.10
C ALA A 94 -20.29 -5.69 16.47
N LEU A 95 -20.87 -5.13 17.53
CA LEU A 95 -20.30 -5.30 18.86
C LEU A 95 -20.48 -6.72 19.39
N ARG A 96 -21.51 -7.44 18.94
CA ARG A 96 -21.66 -8.85 19.30
C ARG A 96 -20.58 -9.69 18.64
N ALA A 97 -20.47 -9.60 17.31
CA ALA A 97 -19.46 -10.31 16.57
C ALA A 97 -18.04 -9.87 16.93
N ALA A 98 -17.90 -8.77 17.67
CA ALA A 98 -16.59 -8.18 17.90
C ALA A 98 -15.68 -9.17 18.61
N VAL A 99 -14.54 -9.44 17.99
CA VAL A 99 -13.49 -10.27 18.57
C VAL A 99 -12.21 -9.43 18.62
N PRO A 100 -11.49 -9.39 19.74
CA PRO A 100 -10.19 -8.71 19.75
C PRO A 100 -9.29 -9.28 18.66
N ALA A 101 -8.60 -8.38 17.95
CA ALA A 101 -7.84 -8.77 16.77
C ALA A 101 -6.38 -8.34 16.77
N VAL A 102 -5.97 -7.45 17.67
CA VAL A 102 -4.56 -7.07 17.77
C VAL A 102 -4.12 -7.33 19.21
N PRO A 103 -2.82 -7.47 19.45
CA PRO A 103 -2.32 -7.62 20.81
C PRO A 103 -2.60 -6.37 21.63
N PRO A 104 -2.53 -6.45 22.95
CA PRO A 104 -2.63 -5.23 23.75
C PRO A 104 -1.53 -4.25 23.36
N VAL A 105 -1.83 -2.96 23.49
CA VAL A 105 -0.93 -1.92 22.97
C VAL A 105 0.38 -1.95 23.73
N PRO A 106 1.50 -1.63 23.09
CA PRO A 106 2.79 -1.61 23.81
C PRO A 106 2.82 -0.48 24.83
N ASP A 107 3.79 -0.58 25.71
CA ASP A 107 4.00 0.44 26.71
C ASP A 107 4.49 1.70 26.04
N GLU A 108 5.17 1.56 24.91
CA GLU A 108 5.62 2.70 24.17
C GLU A 108 4.81 2.69 22.87
N PRO A 109 4.37 3.91 22.39
CA PRO A 109 3.56 3.82 21.16
C PRO A 109 4.27 3.16 19.98
N PRO A 110 3.53 2.36 19.22
CA PRO A 110 4.12 1.62 18.11
C PRO A 110 4.60 2.54 17.00
N LYS A 111 5.66 2.13 16.32
CA LYS A 111 6.03 2.78 15.07
C LYS A 111 5.08 2.33 13.95
N VAL A 112 5.02 3.14 12.89
CA VAL A 112 4.14 2.88 11.76
C VAL A 112 4.95 2.90 10.48
N ALA A 113 4.75 1.92 9.61
CA ALA A 113 5.37 1.90 8.29
C ALA A 113 4.30 1.82 7.21
N PHE A 114 4.50 2.55 6.11
CA PHE A 114 3.65 2.46 4.94
C PHE A 114 4.31 1.54 3.92
N LEU A 115 3.52 0.60 3.37
CA LEU A 115 3.99 -0.30 2.31
C LEU A 115 3.26 0.07 1.01
N LEU A 116 4.03 0.37 -0.04
CA LEU A 116 3.49 0.93 -1.28
C LEU A 116 3.62 -0.06 -2.42
N PRO A 117 2.54 -0.65 -2.93
CA PRO A 117 2.66 -1.70 -3.94
C PRO A 117 3.12 -1.17 -5.29
N GLY A 118 3.54 -2.11 -6.14
CA GLY A 118 4.11 -1.72 -7.41
C GLY A 118 2.84 -2.32 -7.98
N GLY A 119 2.68 -2.33 -9.29
CA GLY A 119 1.36 -2.79 -9.72
C GLY A 119 0.90 -4.22 -9.78
N GLY A 120 -0.34 -4.43 -10.20
CA GLY A 120 -0.91 -5.75 -10.25
C GLY A 120 -2.28 -5.76 -9.60
N THR A 121 -2.57 -4.77 -8.76
CA THR A 121 -3.86 -4.71 -8.09
C THR A 121 -4.69 -3.52 -8.50
N GLN A 122 -4.21 -2.69 -9.43
CA GLN A 122 -4.98 -1.53 -9.87
C GLN A 122 -6.26 -1.99 -10.57
N TYR A 123 -7.29 -1.14 -10.49
CA TYR A 123 -8.54 -1.37 -11.22
C TYR A 123 -9.29 -0.06 -11.38
N VAL A 124 -10.17 -0.04 -12.38
CA VAL A 124 -11.07 1.08 -12.57
C VAL A 124 -12.05 1.15 -11.42
N GLY A 125 -12.20 2.34 -10.84
CA GLY A 125 -13.08 2.56 -9.71
C GLY A 125 -12.40 2.55 -8.35
N MET A 126 -11.10 2.24 -8.29
CA MET A 126 -10.44 2.17 -6.99
C MET A 126 -10.40 3.55 -6.37
N GLY A 127 -10.71 3.60 -5.08
CA GLY A 127 -10.77 4.87 -4.37
C GLY A 127 -11.94 5.78 -4.71
N SER A 128 -12.84 5.36 -5.61
CA SER A 128 -13.95 6.24 -6.00
C SER A 128 -14.81 6.62 -4.80
N GLY A 129 -14.94 5.72 -3.82
CA GLY A 129 -15.64 6.09 -2.60
C GLY A 129 -14.94 7.17 -1.81
N LEU A 130 -13.60 7.12 -1.78
CA LEU A 130 -12.86 8.13 -1.03
C LEU A 130 -12.87 9.45 -1.76
N TYR A 131 -12.88 9.41 -3.09
CA TYR A 131 -12.92 10.58 -3.90
C TYR A 131 -14.17 11.41 -3.61
N ARG A 132 -15.26 10.73 -3.32
CA ARG A 132 -16.52 11.37 -3.01
C ARG A 132 -16.69 11.76 -1.56
N GLU A 133 -15.98 11.16 -0.65
CA GLU A 133 -16.22 11.39 0.77
C GLU A 133 -15.18 12.25 1.46
N ASN A 134 -13.94 12.26 0.97
CA ASN A 134 -12.82 12.79 1.73
C ASN A 134 -12.15 13.90 0.93
N ASP A 135 -12.18 15.12 1.47
CA ASP A 135 -11.73 16.27 0.69
C ASP A 135 -10.23 16.24 0.43
N VAL A 136 -9.44 15.66 1.34
CA VAL A 136 -8.01 15.53 1.07
C VAL A 136 -7.77 14.58 -0.09
N TYR A 137 -8.42 13.40 -0.05
CA TYR A 137 -8.28 12.45 -1.15
C TYR A 137 -8.70 13.07 -2.47
N ARG A 138 -9.86 13.75 -2.49
CA ARG A 138 -10.36 14.41 -3.69
C ARG A 138 -9.38 15.48 -4.18
N ASP A 139 -8.86 16.31 -3.27
CA ASP A 139 -7.96 17.39 -3.69
C ASP A 139 -6.65 16.85 -4.21
N THR A 140 -6.10 15.83 -3.55
CA THR A 140 -4.84 15.26 -4.02
C THR A 140 -5.00 14.66 -5.42
N VAL A 141 -6.09 13.91 -5.64
CA VAL A 141 -6.31 13.35 -6.97
C VAL A 141 -6.46 14.48 -7.99
N ASP A 142 -7.22 15.52 -7.65
CA ASP A 142 -7.44 16.60 -8.60
C ASP A 142 -6.13 17.29 -8.93
N ARG A 143 -5.33 17.56 -7.91
CA ARG A 143 -4.05 18.21 -8.13
C ARG A 143 -3.16 17.35 -9.04
N CYS A 144 -3.07 16.04 -8.78
CA CYS A 144 -2.22 15.19 -9.61
C CYS A 144 -2.74 15.11 -11.05
N ALA A 145 -4.05 15.02 -11.23
CA ALA A 145 -4.58 14.93 -12.59
C ALA A 145 -4.25 16.19 -13.40
N ALA A 146 -4.35 17.37 -12.76
CA ALA A 146 -4.03 18.60 -13.48
C ALA A 146 -2.56 18.66 -13.82
N VAL A 147 -1.68 18.31 -12.87
CA VAL A 147 -0.26 18.32 -13.16
C VAL A 147 0.08 17.36 -14.28
N LEU A 148 -0.63 16.23 -14.37
CA LEU A 148 -0.28 15.14 -15.28
C LEU A 148 -0.78 15.31 -16.71
N ARG A 149 -1.74 16.19 -16.94
CA ARG A 149 -2.35 16.26 -18.27
C ARG A 149 -1.35 16.45 -19.40
N PRO A 150 -0.35 17.33 -19.33
CA PRO A 150 0.57 17.45 -20.46
C PRO A 150 1.42 16.20 -20.71
N ALA A 151 1.85 15.51 -19.66
CA ALA A 151 2.64 14.29 -19.83
C ALA A 151 1.77 13.10 -20.19
N LEU A 152 0.59 13.01 -19.59
CA LEU A 152 -0.25 11.85 -19.83
C LEU A 152 -0.99 11.95 -21.17
N GLY A 153 -1.44 13.15 -21.52
CA GLY A 153 -2.27 13.34 -22.69
C GLY A 153 -3.76 13.21 -22.43
N SER A 154 -4.17 13.03 -21.18
CA SER A 154 -5.58 12.86 -20.85
C SER A 154 -5.76 13.23 -19.38
N ASP A 155 -7.01 13.22 -18.95
CA ASP A 155 -7.37 13.48 -17.57
C ASP A 155 -7.33 12.14 -16.83
N LEU A 156 -6.40 12.03 -15.88
CA LEU A 156 -6.23 10.77 -15.16
C LEU A 156 -7.52 10.29 -14.51
N ARG A 157 -8.42 11.22 -14.12
CA ARG A 157 -9.63 10.78 -13.43
C ARG A 157 -10.54 9.94 -14.32
N THR A 158 -10.44 10.11 -15.64
CA THR A 158 -11.09 9.19 -16.57
C THR A 158 -10.62 7.76 -16.36
N ALA A 159 -9.30 7.58 -16.26
CA ALA A 159 -8.75 6.24 -16.07
C ALA A 159 -9.01 5.73 -14.67
N LEU A 160 -9.02 6.62 -13.67
CA LEU A 160 -9.26 6.18 -12.30
C LEU A 160 -10.69 5.68 -12.11
N PHE A 161 -11.67 6.32 -12.74
CA PHE A 161 -13.05 6.17 -12.31
C PHE A 161 -14.02 5.70 -13.39
N GLU A 162 -13.64 5.73 -14.67
CA GLU A 162 -14.57 5.43 -15.76
C GLU A 162 -14.10 4.27 -16.63
N GLU A 163 -12.95 4.37 -17.29
CA GLU A 163 -12.47 3.27 -18.12
C GLU A 163 -10.98 3.48 -18.36
N VAL A 164 -10.27 2.38 -18.62
CA VAL A 164 -8.85 2.47 -18.95
C VAL A 164 -8.44 1.20 -19.68
N GLU A 165 -7.47 1.34 -20.53
CA GLU A 165 -6.92 0.22 -21.20
C GLU A 165 -5.98 -0.42 -20.19
N PRO A 166 -6.16 -1.78 -19.97
CA PRO A 166 -5.26 -2.40 -18.98
C PRO A 166 -3.79 -2.30 -19.28
N GLY A 167 -2.96 -2.18 -18.26
CA GLY A 167 -1.53 -2.02 -18.46
C GLY A 167 -1.07 -0.79 -19.25
N SER A 168 -1.93 0.19 -19.47
CA SER A 168 -1.51 1.41 -20.14
C SER A 168 -0.77 2.35 -19.17
N THR A 169 -0.12 3.37 -19.73
CA THR A 169 0.49 4.40 -18.89
C THR A 169 -0.52 4.95 -17.88
N ALA A 170 -1.75 5.22 -18.33
CA ALA A 170 -2.77 5.77 -17.45
C ALA A 170 -3.14 4.79 -16.35
N ALA A 171 -3.20 3.48 -16.67
CA ALA A 171 -3.58 2.49 -15.67
C ALA A 171 -2.59 2.50 -14.52
N PHE A 172 -1.30 2.61 -14.82
CA PHE A 172 -0.33 2.56 -13.74
C PHE A 172 -0.22 3.90 -13.03
N MET A 173 -0.37 5.01 -13.77
CA MET A 173 -0.40 6.32 -13.11
C MET A 173 -1.61 6.43 -12.19
N ALA A 174 -2.74 5.83 -12.60
CA ALA A 174 -3.87 5.73 -11.67
C ALA A 174 -3.43 5.11 -10.35
N LEU A 175 -2.62 4.04 -10.42
CA LEU A 175 -2.19 3.40 -9.18
C LEU A 175 -1.27 4.30 -8.39
N PHE A 176 -0.32 4.96 -9.07
CA PHE A 176 0.60 5.85 -8.38
C PHE A 176 -0.14 6.95 -7.62
N VAL A 177 -1.12 7.57 -8.27
CA VAL A 177 -1.84 8.68 -7.65
C VAL A 177 -2.75 8.18 -6.54
N THR A 178 -3.35 7.00 -6.72
CA THR A 178 -4.16 6.42 -5.64
C THR A 178 -3.33 6.21 -4.38
N GLU A 179 -2.14 5.62 -4.52
CA GLU A 179 -1.25 5.45 -3.38
C GLU A 179 -0.96 6.79 -2.73
N TYR A 180 -0.57 7.78 -3.54
CA TYR A 180 -0.17 9.06 -2.99
C TYR A 180 -1.34 9.71 -2.27
N ALA A 181 -2.53 9.73 -2.91
CA ALA A 181 -3.70 10.36 -2.30
C ALA A 181 -4.11 9.65 -1.01
N LEU A 182 -4.06 8.32 -1.02
CA LEU A 182 -4.39 7.54 0.16
C LEU A 182 -3.40 7.78 1.29
N ALA A 183 -2.11 7.82 0.98
CA ALA A 183 -1.15 8.14 2.02
C ALA A 183 -1.36 9.57 2.57
N ARG A 184 -1.59 10.55 1.70
CA ARG A 184 -1.88 11.91 2.19
C ARG A 184 -3.14 11.92 3.07
N THR A 185 -4.16 11.16 2.69
CA THR A 185 -5.38 11.13 3.49
C THR A 185 -5.12 10.58 4.88
N LEU A 186 -4.32 9.53 4.99
CA LEU A 186 -4.00 8.98 6.31
C LEU A 186 -3.15 9.96 7.12
N MET A 187 -2.22 10.65 6.46
CA MET A 187 -1.36 11.58 7.18
C MET A 187 -2.16 12.76 7.73
N GLU A 188 -3.15 13.25 6.97
CA GLU A 188 -4.00 14.32 7.50
C GLU A 188 -4.83 13.84 8.67
N GLU A 189 -5.18 12.56 8.74
CA GLU A 189 -5.81 12.04 9.94
C GLU A 189 -4.83 11.91 11.11
N GLY A 190 -3.55 12.23 10.92
CA GLY A 190 -2.59 12.08 11.99
C GLY A 190 -1.85 10.77 12.02
N VAL A 191 -2.07 9.88 11.04
CA VAL A 191 -1.28 8.65 10.93
C VAL A 191 -0.11 8.99 10.01
N ARG A 192 0.98 9.40 10.63
CA ARG A 192 2.17 9.74 9.85
C ARG A 192 3.17 8.62 9.96
N PRO A 193 3.73 8.16 8.85
CA PRO A 193 4.58 6.98 8.90
C PRO A 193 5.95 7.33 9.46
N ASP A 194 6.48 6.43 10.28
CA ASP A 194 7.87 6.53 10.72
C ASP A 194 8.83 5.94 9.70
N ALA A 195 8.34 5.14 8.76
CA ALA A 195 9.19 4.57 7.73
C ALA A 195 8.33 4.20 6.54
N LEU A 196 8.97 4.07 5.39
CA LEU A 196 8.31 3.76 4.13
C LEU A 196 9.07 2.67 3.40
N ILE A 197 8.33 1.83 2.70
CA ILE A 197 8.95 0.91 1.74
C ILE A 197 7.97 0.75 0.58
N GLY A 198 8.51 0.77 -0.64
CA GLY A 198 7.72 0.56 -1.84
C GLY A 198 8.28 -0.62 -2.62
N HIS A 199 7.53 -1.03 -3.63
CA HIS A 199 7.94 -2.11 -4.52
C HIS A 199 7.99 -1.51 -5.93
N SER A 200 9.22 -1.29 -6.43
CA SER A 200 9.43 -0.77 -7.77
C SER A 200 8.73 0.57 -7.93
N LEU A 201 7.65 0.60 -8.71
CA LEU A 201 6.85 1.81 -8.82
C LEU A 201 6.55 2.43 -7.45
N GLY A 202 6.26 1.58 -6.46
CA GLY A 202 5.95 2.09 -5.13
C GLY A 202 7.08 2.81 -4.45
N GLU A 203 8.34 2.56 -4.87
CA GLU A 203 9.46 3.28 -4.29
C GLU A 203 9.42 4.76 -4.70
N TYR A 204 8.90 5.07 -5.89
CA TYR A 204 8.67 6.45 -6.25
C TYR A 204 7.64 7.09 -5.33
N THR A 205 6.54 6.38 -5.06
CA THR A 205 5.55 6.93 -4.14
C THR A 205 6.18 7.17 -2.78
N ALA A 206 7.00 6.21 -2.33
CA ALA A 206 7.68 6.34 -1.05
C ALA A 206 8.61 7.54 -1.07
N ALA A 207 9.32 7.75 -2.18
CA ALA A 207 10.23 8.88 -2.26
C ALA A 207 9.48 10.20 -2.20
N CYS A 208 8.30 10.28 -2.84
CA CYS A 208 7.51 11.50 -2.74
C CYS A 208 7.02 11.71 -1.31
N LEU A 209 6.56 10.65 -0.66
CA LEU A 209 6.07 10.79 0.70
C LEU A 209 7.19 11.17 1.66
N ALA A 210 8.41 10.68 1.40
CA ALA A 210 9.56 10.94 2.25
C ALA A 210 10.19 12.30 2.02
N GLY A 211 9.76 13.06 1.01
CA GLY A 211 10.36 14.32 0.69
C GLY A 211 11.51 14.24 -0.29
N VAL A 212 11.93 13.04 -0.67
CA VAL A 212 13.03 12.89 -1.62
C VAL A 212 12.70 13.56 -2.94
N MET A 213 11.45 13.39 -3.40
CA MET A 213 10.98 13.99 -4.64
C MET A 213 9.79 14.87 -4.35
N GLU A 214 9.56 15.84 -5.22
CA GLU A 214 8.34 16.62 -5.20
C GLU A 214 7.31 15.95 -6.10
N ILE A 215 6.08 15.80 -5.59
CA ILE A 215 5.07 15.04 -6.30
C ILE A 215 4.85 15.61 -7.70
N ASP A 216 4.81 16.95 -7.83
CA ASP A 216 4.57 17.56 -9.13
C ASP A 216 5.67 17.27 -10.13
N GLU A 217 6.92 17.19 -9.67
CA GLU A 217 8.00 16.84 -10.59
C GLU A 217 8.05 15.34 -10.86
N ALA A 218 7.69 14.51 -9.86
CA ALA A 218 7.76 13.05 -10.04
C ALA A 218 6.72 12.55 -11.04
N LEU A 219 5.50 13.11 -11.00
CA LEU A 219 4.41 12.63 -11.84
C LEU A 219 4.79 12.42 -13.30
N PRO A 220 5.31 13.41 -14.03
CA PRO A 220 5.66 13.13 -15.44
C PRO A 220 6.83 12.15 -15.59
N VAL A 221 7.74 12.10 -14.63
CA VAL A 221 8.90 11.21 -14.74
C VAL A 221 8.46 9.75 -14.57
N VAL A 222 7.65 9.48 -13.54
CA VAL A 222 7.05 8.15 -13.40
C VAL A 222 6.29 7.76 -14.66
N ALA A 223 5.56 8.71 -15.25
CA ALA A 223 4.83 8.40 -16.49
C ALA A 223 5.78 7.97 -17.59
N GLU A 224 6.90 8.69 -17.78
CA GLU A 224 7.83 8.29 -18.84
C GLU A 224 8.59 7.02 -18.46
N ARG A 225 8.82 6.79 -17.17
CA ARG A 225 9.41 5.52 -16.76
C ARG A 225 8.55 4.35 -17.23
N ILE A 226 7.23 4.47 -17.04
CA ILE A 226 6.30 3.42 -17.45
C ILE A 226 6.35 3.21 -18.96
N ARG A 227 6.33 4.30 -19.74
CA ARG A 227 6.37 4.16 -21.20
C ARG A 227 7.67 3.52 -21.66
N LEU A 228 8.80 3.91 -21.05
CA LEU A 228 10.09 3.33 -21.43
C LEU A 228 10.16 1.84 -21.07
N ILE A 229 9.62 1.45 -19.92
CA ILE A 229 9.58 0.03 -19.60
C ILE A 229 8.69 -0.71 -20.58
N ALA A 230 7.47 -0.19 -20.82
CA ALA A 230 6.53 -0.89 -21.70
C ALA A 230 7.08 -1.02 -23.12
N SER A 231 7.78 0.01 -23.61
CA SER A 231 8.28 -0.06 -24.98
C SER A 231 9.45 -1.02 -25.10
N SER A 232 10.10 -1.39 -24.02
CA SER A 232 11.22 -2.32 -24.11
C SER A 232 10.83 -3.77 -24.33
N GLY A 233 9.54 -4.12 -24.21
CA GLY A 233 9.13 -5.50 -24.48
C GLY A 233 9.55 -6.48 -23.40
N GLY A 234 9.67 -7.74 -23.81
CA GLY A 234 10.03 -8.81 -22.89
C GLY A 234 8.86 -9.29 -22.06
N ALA A 235 9.18 -10.09 -21.04
CA ALA A 235 8.14 -10.73 -20.24
C ALA A 235 8.66 -10.97 -18.83
N THR A 236 7.71 -11.16 -17.91
CA THR A 236 8.01 -11.38 -16.51
C THR A 236 7.15 -12.54 -16.02
N VAL A 237 7.75 -13.42 -15.22
CA VAL A 237 7.03 -14.53 -14.63
C VAL A 237 7.21 -14.47 -13.12
N GLY A 238 6.11 -14.57 -12.38
CA GLY A 238 6.17 -14.68 -10.93
C GLY A 238 6.25 -16.15 -10.57
N VAL A 239 7.25 -16.50 -9.78
CA VAL A 239 7.52 -17.87 -9.40
C VAL A 239 7.32 -18.01 -7.90
N ALA A 240 6.47 -18.96 -7.49
CA ALA A 240 6.13 -19.20 -6.10
C ALA A 240 7.13 -20.17 -5.51
N ALA A 241 8.35 -19.68 -5.37
CA ALA A 241 9.43 -20.43 -4.75
C ALA A 241 10.51 -19.41 -4.40
N CYS A 242 11.35 -19.77 -3.43
CA CYS A 242 12.39 -18.87 -2.99
C CYS A 242 13.48 -18.75 -4.04
N ALA A 243 14.21 -17.64 -3.96
CA ALA A 243 15.19 -17.31 -4.99
C ALA A 243 16.25 -18.38 -5.13
N ASP A 244 16.64 -19.03 -4.02
CA ASP A 244 17.67 -20.08 -4.08
C ASP A 244 17.26 -21.22 -5.01
N THR A 245 15.97 -21.56 -5.04
CA THR A 245 15.50 -22.58 -5.96
C THR A 245 15.47 -22.07 -7.40
N VAL A 246 15.26 -20.78 -7.61
CA VAL A 246 15.11 -20.27 -8.97
C VAL A 246 16.46 -19.95 -9.60
N LEU A 247 17.40 -19.40 -8.82
CA LEU A 247 18.66 -18.92 -9.36
C LEU A 247 19.34 -19.89 -10.32
N PRO A 248 19.53 -21.18 -10.00
CA PRO A 248 20.25 -22.06 -10.94
C PRO A 248 19.56 -22.24 -12.28
N LEU A 249 18.27 -21.93 -12.41
CA LEU A 249 17.56 -22.06 -13.68
C LEU A 249 17.74 -20.86 -14.61
N LEU A 250 18.51 -19.86 -14.22
CA LEU A 250 18.73 -18.69 -15.06
C LEU A 250 20.17 -18.61 -15.46
N GLY A 251 20.52 -18.46 -16.72
CA GLY A 251 19.63 -18.35 -17.81
C GLY A 251 20.08 -17.18 -18.66
N GLU A 252 20.61 -17.44 -19.84
CA GLU A 252 21.01 -16.36 -20.72
C GLU A 252 19.68 -15.81 -21.19
N GLY A 253 19.54 -14.51 -21.17
CA GLY A 253 18.29 -13.87 -21.50
C GLY A 253 17.33 -13.70 -20.34
N LEU A 254 17.75 -13.97 -19.11
CA LEU A 254 16.89 -13.86 -17.95
C LEU A 254 17.60 -13.12 -16.84
N SER A 255 16.87 -12.30 -16.11
CA SER A 255 17.37 -11.68 -14.89
C SER A 255 16.40 -11.94 -13.76
N LEU A 256 16.94 -12.01 -12.56
CA LEU A 256 16.14 -12.04 -11.35
C LEU A 256 15.57 -10.64 -11.12
N ALA A 257 14.26 -10.48 -11.33
CA ALA A 257 13.66 -9.15 -11.26
C ALA A 257 13.31 -8.74 -9.83
N ALA A 258 12.89 -9.68 -8.98
CA ALA A 258 12.50 -9.34 -7.62
C ALA A 258 12.67 -10.56 -6.73
N VAL A 259 13.09 -10.33 -5.49
CA VAL A 259 13.06 -11.35 -4.45
C VAL A 259 12.08 -10.83 -3.40
N ASN A 260 10.86 -11.37 -3.41
CA ASN A 260 9.73 -10.77 -2.70
C ASN A 260 9.46 -11.37 -1.32
N SER A 261 9.63 -12.69 -1.15
CA SER A 261 9.43 -13.38 0.12
C SER A 261 10.02 -14.79 0.00
N PRO A 262 10.12 -15.55 1.10
CA PRO A 262 10.65 -16.92 0.99
C PRO A 262 9.89 -17.84 0.02
N VAL A 263 8.73 -17.44 -0.50
CA VAL A 263 8.00 -18.28 -1.44
C VAL A 263 7.60 -17.48 -2.68
N ALA A 264 8.34 -16.42 -3.02
CA ALA A 264 7.92 -15.59 -4.14
C ALA A 264 9.10 -14.82 -4.71
N CYS A 265 9.31 -14.95 -6.01
CA CYS A 265 10.27 -14.11 -6.69
C CYS A 265 9.77 -13.93 -8.13
N THR A 266 10.37 -13.00 -8.85
CA THR A 266 10.00 -12.79 -10.24
C THR A 266 11.24 -12.86 -11.12
N VAL A 267 11.03 -13.32 -12.35
CA VAL A 267 12.10 -13.46 -13.33
C VAL A 267 11.63 -12.78 -14.61
N ALA A 268 12.54 -12.01 -15.24
CA ALA A 268 12.22 -11.20 -16.40
C ALA A 268 13.29 -11.38 -17.47
N GLY A 269 12.89 -11.19 -18.72
CA GLY A 269 13.81 -11.29 -19.83
C GLY A 269 13.04 -11.32 -21.13
N ASP A 270 13.70 -11.77 -22.20
CA ASP A 270 12.95 -11.82 -23.45
C ASP A 270 11.96 -12.97 -23.41
N THR A 271 10.92 -12.86 -24.23
CA THR A 271 9.80 -13.76 -24.10
C THR A 271 10.21 -15.20 -24.36
N ASP A 272 11.09 -15.44 -25.33
CA ASP A 272 11.56 -16.79 -25.63
C ASP A 272 12.23 -17.43 -24.42
N ALA A 273 13.16 -16.70 -23.80
CA ALA A 273 13.83 -17.21 -22.61
C ALA A 273 12.84 -17.49 -21.49
N VAL A 274 11.81 -16.64 -21.34
CA VAL A 274 10.83 -16.83 -20.28
C VAL A 274 9.98 -18.06 -20.57
N ASP A 275 9.61 -18.26 -21.85
CA ASP A 275 8.93 -19.48 -22.27
C ASP A 275 9.70 -20.72 -21.85
N ARG A 276 11.00 -20.74 -22.10
CA ARG A 276 11.77 -21.95 -21.79
C ARG A 276 11.90 -22.14 -20.28
N LEU A 277 12.09 -21.05 -19.54
CA LEU A 277 12.08 -21.17 -18.08
C LEU A 277 10.77 -21.77 -17.58
N GLU A 278 9.65 -21.35 -18.14
CA GLU A 278 8.37 -21.87 -17.69
C GLU A 278 8.25 -23.35 -17.98
N ALA A 279 8.74 -23.80 -19.15
CA ALA A 279 8.77 -25.24 -19.45
C ALA A 279 9.59 -26.00 -18.42
N GLU A 280 10.76 -25.47 -18.06
CA GLU A 280 11.60 -26.16 -17.08
C GLU A 280 11.03 -26.07 -15.67
N LEU A 281 10.26 -25.03 -15.37
CA LEU A 281 9.63 -24.94 -14.09
C LEU A 281 8.49 -25.94 -13.98
N THR A 282 7.79 -26.19 -15.06
CA THR A 282 6.72 -27.13 -15.08
C THR A 282 7.26 -28.53 -14.90
N ARG A 283 8.40 -28.79 -15.49
CA ARG A 283 9.01 -30.07 -15.40
C ARG A 283 9.50 -30.40 -13.99
N ARG A 284 9.63 -29.40 -13.16
CA ARG A 284 10.07 -29.59 -11.79
C ARG A 284 8.93 -29.38 -10.78
N GLY A 285 7.71 -29.21 -11.25
CA GLY A 285 6.62 -28.98 -10.33
C GLY A 285 6.62 -27.62 -9.64
N VAL A 286 7.41 -26.66 -10.11
CA VAL A 286 7.47 -25.35 -9.46
C VAL A 286 6.28 -24.50 -9.91
N PRO A 287 5.44 -24.02 -9.00
CA PRO A 287 4.31 -23.17 -9.43
C PRO A 287 4.78 -21.78 -9.83
N PHE A 288 4.08 -21.20 -10.80
CA PHE A 288 4.48 -19.92 -11.38
C PHE A 288 3.28 -19.34 -12.10
N ARG A 289 3.34 -18.04 -12.36
CA ARG A 289 2.31 -17.45 -13.20
C ARG A 289 2.91 -16.29 -13.97
N ARG A 290 2.69 -16.29 -15.27
CA ARG A 290 3.11 -15.18 -16.13
C ARG A 290 2.42 -13.90 -15.68
N LEU A 291 3.19 -12.87 -15.34
CA LEU A 291 2.58 -11.58 -15.08
C LEU A 291 1.94 -11.06 -16.37
N ARG A 292 0.75 -10.49 -16.25
CA ARG A 292 0.00 -10.16 -17.47
C ARG A 292 0.59 -8.97 -18.21
N MET A 293 1.31 -8.10 -17.53
CA MET A 293 1.98 -7.01 -18.24
C MET A 293 3.11 -7.54 -19.10
N PRO A 294 3.02 -7.44 -20.44
CA PRO A 294 4.13 -7.92 -21.29
C PRO A 294 5.32 -6.97 -21.23
N ALA A 295 6.04 -6.99 -20.14
CA ALA A 295 7.20 -6.18 -19.95
C ALA A 295 8.21 -6.89 -19.10
N ALA A 296 9.42 -6.37 -19.08
CA ALA A 296 10.48 -6.94 -18.32
C ALA A 296 11.26 -5.96 -17.46
N ALA A 297 10.58 -5.34 -16.53
CA ALA A 297 11.23 -4.41 -15.63
C ALA A 297 12.30 -5.12 -14.81
N HIS A 298 13.31 -4.39 -14.38
CA HIS A 298 14.39 -4.92 -13.55
C HIS A 298 15.21 -6.03 -14.14
N SER A 299 15.46 -5.95 -15.42
CA SER A 299 16.24 -6.92 -16.19
C SER A 299 17.04 -6.23 -17.29
N HIS A 300 17.94 -7.02 -17.89
CA HIS A 300 18.80 -6.53 -18.96
C HIS A 300 17.98 -5.95 -20.12
N VAL A 301 16.74 -6.40 -20.30
CA VAL A 301 15.89 -5.87 -21.37
C VAL A 301 15.76 -4.34 -21.31
N LEU A 302 15.94 -3.74 -20.14
CA LEU A 302 15.82 -2.29 -20.04
C LEU A 302 17.11 -1.54 -20.41
N ASP A 303 18.24 -2.23 -20.61
CA ASP A 303 19.52 -1.58 -20.87
C ASP A 303 19.44 -0.46 -21.91
N PRO A 304 18.84 -0.65 -23.10
CA PRO A 304 18.81 0.44 -24.08
C PRO A 304 18.14 1.74 -23.62
N ILE A 305 17.27 1.73 -22.60
CA ILE A 305 16.57 2.96 -22.21
C ILE A 305 17.08 3.55 -20.91
N LEU A 306 18.11 2.97 -20.30
CA LEU A 306 18.55 3.46 -18.99
C LEU A 306 19.07 4.89 -19.08
N GLU A 307 19.91 5.18 -20.08
CA GLU A 307 20.49 6.52 -20.17
C GLU A 307 19.42 7.55 -20.51
N SER A 308 18.55 7.22 -21.46
CA SER A 308 17.42 8.10 -21.73
C SER A 308 16.59 8.33 -20.48
N PHE A 309 16.40 7.31 -19.66
CA PHE A 309 15.60 7.51 -18.46
C PHE A 309 16.33 8.39 -17.46
N ALA A 310 17.67 8.30 -17.43
CA ALA A 310 18.46 9.19 -16.57
C ALA A 310 18.24 10.65 -16.96
N GLY A 311 18.00 10.94 -18.23
CA GLY A 311 17.64 12.29 -18.62
C GLY A 311 16.42 12.81 -17.86
N HIS A 312 15.35 11.99 -17.81
CA HIS A 312 14.17 12.37 -17.04
C HIS A 312 14.47 12.45 -15.56
N LEU A 313 15.27 11.51 -15.03
CA LEU A 313 15.59 11.60 -13.61
C LEU A 313 16.35 12.88 -13.29
N ARG A 314 17.11 13.40 -14.25
CA ARG A 314 17.81 14.66 -14.05
C ARG A 314 16.88 15.88 -13.94
N THR A 315 15.62 15.77 -14.33
CA THR A 315 14.71 16.89 -14.14
C THR A 315 14.23 17.05 -12.70
N LEU A 316 14.55 16.14 -11.80
CA LEU A 316 14.00 16.14 -10.44
C LEU A 316 14.92 16.86 -9.46
N THR A 317 14.32 17.59 -8.53
CA THR A 317 15.03 18.14 -7.38
C THR A 317 15.04 17.11 -6.25
N LEU A 318 16.12 16.35 -6.14
CA LEU A 318 16.23 15.31 -5.12
C LEU A 318 16.76 15.87 -3.81
N ARG A 319 16.14 15.48 -2.71
CA ARG A 319 16.50 15.90 -1.37
C ARG A 319 16.68 14.68 -0.49
N PRO A 320 17.45 14.79 0.59
CA PRO A 320 17.55 13.66 1.52
C PRO A 320 16.20 13.35 2.12
N PRO A 321 15.94 12.08 2.47
CA PRO A 321 14.62 11.75 3.01
C PRO A 321 14.40 12.39 4.37
N ARG A 322 13.20 12.93 4.54
CA ARG A 322 12.77 13.42 5.83
C ARG A 322 11.95 12.39 6.60
N ILE A 323 11.51 11.33 5.93
CA ILE A 323 11.06 10.10 6.59
C ILE A 323 11.95 8.99 6.08
N PRO A 324 12.51 8.15 6.95
CA PRO A 324 13.40 7.08 6.46
C PRO A 324 12.65 6.09 5.57
N TYR A 325 13.36 5.58 4.56
CA TYR A 325 12.75 4.58 3.70
C TYR A 325 13.84 3.60 3.25
N VAL A 326 13.45 2.33 3.06
CA VAL A 326 14.40 1.36 2.55
C VAL A 326 14.19 1.22 1.05
N THR A 327 15.28 1.12 0.30
CA THR A 327 15.22 1.02 -1.16
C THR A 327 15.29 -0.43 -1.59
N ASN A 328 14.68 -0.72 -2.73
CA ASN A 328 14.76 -2.04 -3.32
C ASN A 328 16.18 -2.36 -3.79
N VAL A 329 17.05 -1.36 -3.96
CA VAL A 329 18.38 -1.62 -4.50
C VAL A 329 19.19 -2.49 -3.54
N THR A 330 19.26 -2.10 -2.28
CA THR A 330 20.07 -2.79 -1.28
C THR A 330 19.25 -3.61 -0.33
N GLY A 331 17.92 -3.50 -0.38
CA GLY A 331 17.09 -4.09 0.65
C GLY A 331 17.39 -3.53 2.02
N ASP A 332 17.81 -2.27 2.09
CA ASP A 332 18.26 -1.63 3.32
C ASP A 332 17.83 -0.17 3.30
N TRP A 333 17.99 0.51 4.43
CA TRP A 333 17.69 1.93 4.51
C TRP A 333 18.46 2.73 3.46
N ALA A 334 17.76 3.62 2.76
CA ALA A 334 18.40 4.44 1.76
C ALA A 334 19.24 5.51 2.44
N THR A 335 20.47 5.69 1.98
CA THR A 335 21.30 6.77 2.47
C THR A 335 20.94 8.08 1.77
N ASP A 336 21.29 9.21 2.43
CA ASP A 336 21.14 10.51 1.80
C ASP A 336 21.83 10.55 0.45
N ALA A 337 23.03 9.97 0.36
CA ALA A 337 23.77 9.97 -0.91
C ALA A 337 23.00 9.21 -1.98
N GLN A 338 22.40 8.07 -1.62
CA GLN A 338 21.63 7.30 -2.58
C GLN A 338 20.37 8.03 -3.00
N ALA A 339 19.60 8.53 -2.03
CA ALA A 339 18.33 9.17 -2.34
C ALA A 339 18.51 10.32 -3.33
N THR A 340 19.64 11.01 -3.28
CA THR A 340 19.87 12.21 -4.08
C THR A 340 20.72 11.96 -5.30
N ASP A 341 20.97 10.69 -5.63
CA ASP A 341 21.88 10.32 -6.73
C ASP A 341 21.08 9.75 -7.89
N VAL A 342 21.16 10.40 -9.06
CA VAL A 342 20.46 9.93 -10.25
C VAL A 342 20.88 8.50 -10.60
N GLY A 343 22.17 8.20 -10.48
CA GLY A 343 22.66 6.88 -10.83
C GLY A 343 22.06 5.79 -9.95
N HIS A 344 21.83 6.09 -8.67
CA HIS A 344 21.12 5.15 -7.80
C HIS A 344 19.73 4.86 -8.33
N TRP A 345 19.00 5.92 -8.71
CA TRP A 345 17.65 5.73 -9.22
C TRP A 345 17.66 4.98 -10.54
N VAL A 346 18.69 5.18 -11.36
CA VAL A 346 18.88 4.35 -12.56
C VAL A 346 19.07 2.89 -12.16
N ASP A 347 19.98 2.64 -11.20
CA ASP A 347 20.19 1.28 -10.71
C ASP A 347 18.90 0.67 -10.17
N HIS A 348 18.09 1.48 -9.49
CA HIS A 348 16.84 0.97 -8.92
C HIS A 348 15.98 0.31 -10.00
N THR A 349 15.92 0.93 -11.18
CA THR A 349 15.10 0.42 -12.28
C THR A 349 15.74 -0.78 -12.98
N ARG A 350 17.07 -0.87 -12.97
CA ARG A 350 17.74 -1.99 -13.63
C ARG A 350 17.87 -3.22 -12.74
N ARG A 351 18.03 -3.03 -11.44
CA ARG A 351 18.48 -4.09 -10.55
C ARG A 351 17.34 -4.75 -9.80
N THR A 352 17.65 -5.92 -9.27
CA THR A 352 16.69 -6.73 -8.54
C THR A 352 16.01 -5.93 -7.45
N VAL A 353 14.69 -6.06 -7.37
CA VAL A 353 13.94 -5.53 -6.24
C VAL A 353 14.17 -6.47 -5.05
N ARG A 354 14.97 -6.02 -4.10
CA ARG A 354 15.20 -6.76 -2.86
C ARG A 354 14.13 -6.44 -1.82
N PHE A 355 12.88 -6.78 -2.14
CA PHE A 355 11.79 -6.41 -1.24
C PHE A 355 11.83 -7.21 0.06
N ALA A 356 12.03 -8.53 -0.02
CA ALA A 356 12.02 -9.37 1.19
C ALA A 356 13.08 -8.92 2.18
N ASP A 357 14.30 -8.65 1.69
CA ASP A 357 15.33 -8.08 2.55
C ASP A 357 14.92 -6.73 3.09
N GLY A 358 14.32 -5.89 2.25
CA GLY A 358 13.84 -4.60 2.71
C GLY A 358 12.86 -4.72 3.86
N ILE A 359 11.92 -5.67 3.76
CA ILE A 359 10.95 -5.88 4.83
C ILE A 359 11.65 -6.28 6.13
N ALA A 360 12.66 -7.14 6.04
CA ALA A 360 13.37 -7.56 7.24
C ALA A 360 14.15 -6.41 7.88
N ALA A 361 14.78 -5.56 7.06
CA ALA A 361 15.48 -4.40 7.62
C ALA A 361 14.50 -3.44 8.28
N LEU A 362 13.35 -3.20 7.63
CA LEU A 362 12.33 -2.34 8.21
C LEU A 362 11.88 -2.87 9.56
N TRP A 363 11.65 -4.17 9.64
CA TRP A 363 11.12 -4.78 10.85
C TRP A 363 12.15 -4.77 11.97
N GLU A 364 13.41 -4.99 11.63
CA GLU A 364 14.43 -5.18 12.65
C GLU A 364 14.73 -3.88 13.39
N ARG A 365 14.61 -2.73 12.72
CA ARG A 365 14.84 -1.48 13.43
C ARG A 365 13.62 -1.05 14.22
N GLU A 366 12.44 -1.07 13.59
CA GLU A 366 11.26 -0.44 14.18
C GLU A 366 10.25 -1.43 14.78
N ARG A 367 10.21 -2.67 14.30
CA ARG A 367 9.08 -3.57 14.55
C ARG A 367 7.75 -2.84 14.41
N PRO A 368 7.54 -2.12 13.32
CA PRO A 368 6.36 -1.25 13.23
C PRO A 368 5.11 -1.99 12.78
N VAL A 369 3.97 -1.37 13.06
CA VAL A 369 2.73 -1.73 12.37
C VAL A 369 2.94 -1.55 10.87
N LEU A 370 2.57 -2.55 10.09
CA LEU A 370 2.75 -2.53 8.64
C LEU A 370 1.42 -2.15 7.97
N VAL A 371 1.40 -1.00 7.31
CA VAL A 371 0.18 -0.43 6.74
C VAL A 371 0.37 -0.41 5.24
N GLU A 372 -0.36 -1.27 4.54
CA GLU A 372 -0.31 -1.29 3.09
C GLU A 372 -1.16 -0.15 2.55
N ILE A 373 -0.59 0.64 1.64
CA ILE A 373 -1.21 1.84 1.08
C ILE A 373 -1.49 1.57 -0.38
N GLY A 374 -2.74 1.32 -0.70
CA GLY A 374 -3.11 1.01 -2.06
C GLY A 374 -4.02 -0.20 -2.08
N PRO A 375 -4.56 -0.55 -3.25
CA PRO A 375 -5.56 -1.63 -3.31
C PRO A 375 -4.93 -2.99 -3.02
N GLY A 376 -5.56 -3.73 -2.13
CA GLY A 376 -5.24 -5.13 -1.92
C GLY A 376 -4.34 -5.38 -0.72
N ASP A 377 -3.78 -6.59 -0.70
CA ASP A 377 -2.95 -7.04 0.40
C ASP A 377 -1.73 -7.79 -0.12
N SER A 378 -1.26 -7.45 -1.32
CA SER A 378 -0.18 -8.23 -1.90
C SER A 378 1.14 -8.05 -1.14
N LEU A 379 1.45 -6.83 -0.68
CA LEU A 379 2.69 -6.67 0.08
C LEU A 379 2.56 -7.19 1.51
N THR A 380 1.34 -7.13 2.06
CA THR A 380 1.07 -7.68 3.39
C THR A 380 1.36 -9.18 3.44
N LYS A 381 0.97 -9.93 2.40
CA LYS A 381 1.27 -11.37 2.36
C LYS A 381 2.77 -11.62 2.29
N LEU A 382 3.49 -10.85 1.47
CA LEU A 382 4.94 -11.00 1.40
C LEU A 382 5.57 -10.71 2.76
N ALA A 383 5.09 -9.69 3.46
CA ALA A 383 5.64 -9.34 4.77
C ALA A 383 5.36 -10.45 5.78
N ARG A 384 4.14 -10.99 5.78
CA ARG A 384 3.82 -12.08 6.70
C ARG A 384 4.70 -13.30 6.43
N ALA A 385 4.94 -13.62 5.16
CA ALA A 385 5.81 -14.75 4.82
C ALA A 385 7.23 -14.51 5.31
N ARG A 386 7.78 -13.31 5.08
CA ARG A 386 9.16 -13.05 5.47
C ARG A 386 9.31 -12.92 6.99
N LEU A 387 8.29 -12.42 7.67
CA LEU A 387 8.38 -12.06 9.09
C LEU A 387 7.74 -13.10 10.00
N ASP A 388 7.36 -14.25 9.46
CA ASP A 388 6.91 -15.39 10.27
C ASP A 388 8.03 -15.80 11.24
N GLY A 389 7.76 -16.06 12.51
CA GLY A 389 6.59 -15.63 13.23
C GLY A 389 7.15 -14.65 14.26
N GLU A 390 7.42 -13.44 13.79
CA GLU A 390 7.66 -12.29 14.64
C GLU A 390 6.36 -11.63 15.10
N GLY A 391 5.22 -12.16 14.66
CA GLY A 391 3.94 -11.54 14.91
C GLY A 391 3.78 -10.09 14.47
N PRO A 392 4.02 -9.77 13.18
CA PRO A 392 3.75 -8.40 12.74
C PRO A 392 2.26 -8.09 12.81
N VAL A 393 1.94 -6.85 13.13
CA VAL A 393 0.58 -6.34 12.99
C VAL A 393 0.50 -5.67 11.63
N THR A 394 -0.47 -6.09 10.82
CA THR A 394 -0.61 -5.55 9.48
C THR A 394 -2.00 -4.95 9.36
N VAL A 395 -2.09 -3.91 8.55
CA VAL A 395 -3.31 -3.17 8.36
C VAL A 395 -3.49 -2.96 6.88
N THR A 396 -4.68 -3.23 6.39
CA THR A 396 -4.99 -3.09 5.00
C THR A 396 -5.93 -1.89 4.84
N THR A 397 -5.87 -1.27 3.68
CA THR A 397 -6.32 0.10 3.56
C THR A 397 -7.25 0.33 2.37
N MET A 398 -7.25 -0.55 1.37
CA MET A 398 -8.14 -0.40 0.23
C MET A 398 -8.46 -1.78 -0.33
N ARG A 399 -9.72 -1.98 -0.69
CA ARG A 399 -10.24 -3.28 -1.09
C ARG A 399 -9.67 -3.71 -2.45
N HIS A 400 -9.72 -5.03 -2.69
CA HIS A 400 -9.45 -5.61 -4.00
C HIS A 400 -10.56 -5.25 -4.98
N ALA A 401 -10.25 -5.39 -6.28
CA ALA A 401 -11.18 -5.03 -7.34
C ALA A 401 -12.59 -5.61 -7.14
N LYS A 402 -12.69 -6.88 -6.77
CA LYS A 402 -14.00 -7.52 -6.76
C LYS A 402 -14.73 -7.44 -5.42
N ALA A 403 -14.11 -6.92 -4.36
CA ALA A 403 -14.75 -6.90 -3.06
C ALA A 403 -15.89 -5.88 -3.02
N GLN A 404 -16.88 -6.13 -2.16
CA GLN A 404 -18.11 -5.34 -2.12
C GLN A 404 -18.12 -4.26 -1.05
N ALA A 405 -17.17 -4.27 -0.12
CA ALA A 405 -17.13 -3.24 0.91
C ALA A 405 -17.01 -1.84 0.30
N ALA A 406 -17.56 -0.85 0.98
CA ALA A 406 -17.39 0.53 0.57
C ALA A 406 -16.00 1.02 0.97
N ASP A 407 -15.40 1.87 0.12
CA ASP A 407 -14.06 2.37 0.40
C ASP A 407 -13.99 3.04 1.76
N GLY A 408 -15.01 3.84 2.10
CA GLY A 408 -15.02 4.53 3.38
C GLY A 408 -15.11 3.58 4.55
N PHE A 409 -15.81 2.46 4.38
CA PHE A 409 -15.83 1.44 5.42
C PHE A 409 -14.44 0.84 5.61
N VAL A 410 -13.78 0.45 4.51
CA VAL A 410 -12.46 -0.15 4.61
C VAL A 410 -11.50 0.82 5.28
N LEU A 411 -11.61 2.12 4.96
CA LEU A 411 -10.74 3.12 5.57
C LEU A 411 -11.03 3.25 7.06
N ALA A 412 -12.31 3.30 7.43
CA ALA A 412 -12.68 3.41 8.85
C ALA A 412 -12.20 2.20 9.63
N GLU A 413 -12.33 1.00 9.08
CA GLU A 413 -11.77 -0.18 9.75
C GLU A 413 -10.26 -0.06 9.94
N ALA A 414 -9.55 0.37 8.89
CA ALA A 414 -8.10 0.54 9.01
C ALA A 414 -7.76 1.53 10.12
N LEU A 415 -8.50 2.65 10.19
CA LEU A 415 -8.22 3.63 11.23
C LEU A 415 -8.52 3.07 12.61
N GLY A 416 -9.65 2.37 12.75
CA GLY A 416 -9.96 1.74 14.02
C GLY A 416 -8.90 0.73 14.43
N ARG A 417 -8.48 -0.10 13.48
CA ARG A 417 -7.45 -1.09 13.78
C ARG A 417 -6.14 -0.44 14.18
N LEU A 418 -5.78 0.66 13.50
CA LEU A 418 -4.58 1.39 13.89
C LEU A 418 -4.69 1.90 15.33
N TRP A 419 -5.86 2.44 15.71
CA TRP A 419 -6.06 2.86 17.09
C TRP A 419 -5.95 1.68 18.05
N SER A 420 -6.57 0.55 17.70
CA SER A 420 -6.53 -0.63 18.57
C SER A 420 -5.10 -1.10 18.82
N ALA A 421 -4.21 -0.91 17.86
CA ALA A 421 -2.82 -1.32 18.03
C ALA A 421 -2.01 -0.31 18.83
N GLY A 422 -2.57 0.86 19.11
CA GLY A 422 -1.87 1.87 19.88
C GLY A 422 -1.52 3.13 19.13
N VAL A 423 -1.98 3.31 17.90
CA VAL A 423 -1.75 4.55 17.15
C VAL A 423 -2.92 5.47 17.47
N ASP A 424 -2.80 6.20 18.59
CA ASP A 424 -3.98 6.89 19.13
C ASP A 424 -4.52 7.92 18.16
N ALA A 425 -3.65 8.64 17.45
CA ALA A 425 -4.14 9.65 16.53
C ALA A 425 -4.95 9.07 15.38
N ALA A 426 -4.96 7.74 15.21
CA ALA A 426 -5.72 7.17 14.11
C ALA A 426 -7.22 7.27 14.32
N LEU A 427 -7.69 7.39 15.57
CA LEU A 427 -9.13 7.43 15.85
C LEU A 427 -9.73 8.74 15.36
N PRO A 428 -10.71 8.71 14.45
CA PRO A 428 -11.24 9.96 13.86
C PRO A 428 -12.11 10.76 14.83
N HIS A 429 -12.43 11.99 14.38
CA HIS A 429 -13.19 13.10 15.02
C HIS A 429 -12.24 14.28 15.30
#